data_8I89
#
_entry.id   8I89
#
_cell.length_a   82.122
_cell.length_b   87.104
_cell.length_c   87.136
_cell.angle_alpha   90.00
_cell.angle_beta   90.00
_cell.angle_gamma   90.00
#
_symmetry.space_group_name_H-M   'P 21 21 21'
#
loop_
_entity.id
_entity.type
_entity.pdbx_description
1 polymer 'Viomycin kinase'
2 polymer KBE-DPP-SER-SER-UAL-5OH
3 non-polymer DI(HYDROXYETHYL)ETHER
4 water water
#
loop_
_entity_poly.entity_id
_entity_poly.type
_entity_poly.pdbx_seq_one_letter_code
_entity_poly.pdbx_strand_id
1 'polypeptide(L)'
;MGILQANRVLLSRLLPGVEPEGLTVRHGQFHQVVIASDRVVCLPRTAAAAARLPRRAAVMRVLAGLDLGCRTPRPLCEGS
AEGAVELPFLVLSRVPGAPLEADALEDSKVAEVVAAQYVTLLSGLASAGADEKVRAALPAPQGRWRQFAADVRAELFPLM
SDGGCRQAERELAALDSLPDITEAVVHGNLGAENVLWVRDDGLPRLSGVIDWDEVSIGDPAEDLAAIGAGYGKDFLDQVL
TLGGWSDRRMATRIATIRATFALQQALSACRDGDEEELADGLTGYR
;
B,A
2 'polypeptide(L)' (KBE)(DPP)SS(UAL)(5OH) D
#
# COMPACT_ATOMS: atom_id res chain seq x y z
N GLY A 2 10.33 17.02 23.23
CA GLY A 2 9.74 16.14 24.27
C GLY A 2 9.78 14.68 23.84
N ILE A 3 8.79 14.27 23.02
CA ILE A 3 8.74 12.93 22.48
C ILE A 3 9.87 12.75 21.46
N LEU A 4 9.98 13.71 20.53
CA LEU A 4 11.00 13.68 19.50
C LEU A 4 12.38 13.66 20.14
N GLN A 5 12.53 14.40 21.24
CA GLN A 5 13.78 14.53 21.95
C GLN A 5 14.11 13.20 22.63
N ALA A 6 13.13 12.65 23.35
CA ALA A 6 13.30 11.44 24.13
C ALA A 6 13.67 10.25 23.24
N ASN A 7 13.24 10.29 21.97
CA ASN A 7 13.36 9.15 21.07
C ASN A 7 14.34 9.44 19.94
N ARG A 8 15.26 10.40 20.17
CA ARG A 8 16.16 10.90 19.14
C ARG A 8 16.98 9.75 18.56
N VAL A 9 17.52 8.90 19.44
CA VAL A 9 18.46 7.86 19.03
C VAL A 9 17.77 6.86 18.10
N LEU A 10 16.60 6.35 18.53
CA LEU A 10 15.87 5.38 17.74
C LEU A 10 15.45 5.98 16.39
N LEU A 11 15.00 7.25 16.43
CA LEU A 11 14.53 7.91 15.22
C LEU A 11 15.66 8.12 14.22
N SER A 12 16.88 8.36 14.71
CA SER A 12 18.03 8.49 13.83
C SER A 12 18.38 7.16 13.16
N ARG A 13 17.99 6.03 13.78
CA ARG A 13 18.14 4.72 13.15
C ARG A 13 17.05 4.51 12.11
N LEU A 14 15.80 4.83 12.45
CA LEU A 14 14.66 4.57 11.58
C LEU A 14 14.61 5.55 10.40
N LEU A 15 15.10 6.77 10.62
CA LEU A 15 15.06 7.84 9.64
C LEU A 15 16.45 8.46 9.52
N PRO A 16 17.45 7.74 8.99
CA PRO A 16 18.83 8.21 8.99
C PRO A 16 19.01 9.49 8.19
N GLY A 17 19.66 10.48 8.82
CA GLY A 17 19.95 11.75 8.18
C GLY A 17 18.78 12.74 8.28
N VAL A 18 17.70 12.34 8.96
CA VAL A 18 16.54 13.21 9.11
C VAL A 18 16.62 13.91 10.47
N GLU A 19 16.46 15.24 10.45
CA GLU A 19 16.48 16.04 11.67
C GLU A 19 15.18 15.80 12.43
N PRO A 20 15.23 15.21 13.66
CA PRO A 20 14.02 14.90 14.44
C PRO A 20 13.11 16.10 14.76
N GLU A 21 13.67 17.31 14.75
CA GLU A 21 12.88 18.52 14.96
C GLU A 21 11.95 18.78 13.78
N GLY A 22 12.36 18.31 12.58
CA GLY A 22 11.56 18.50 11.38
C GLY A 22 10.34 17.58 11.30
N LEU A 23 10.15 16.71 12.30
CA LEU A 23 9.06 15.74 12.30
C LEU A 23 7.89 16.31 13.10
N THR A 24 6.71 15.67 12.93
CA THR A 24 5.51 16.02 13.66
C THR A 24 5.08 14.83 14.51
N VAL A 25 4.16 15.07 15.46
CA VAL A 25 3.66 14.04 16.35
C VAL A 25 2.13 14.11 16.40
N ARG A 26 1.47 12.96 16.20
CA ARG A 26 0.07 12.79 16.52
C ARG A 26 -0.04 11.94 17.79
N HIS A 27 -0.78 12.41 18.79
CA HIS A 27 -0.92 11.70 20.04
C HIS A 27 -2.01 10.64 19.92
N GLY A 28 -1.69 9.40 20.34
CA GLY A 28 -2.67 8.33 20.44
C GLY A 28 -2.83 7.86 21.88
N GLN A 29 -3.85 7.02 22.11
CA GLN A 29 -4.12 6.50 23.44
C GLN A 29 -2.93 5.65 23.92
N PHE A 30 -2.39 4.84 23.00
CA PHE A 30 -1.36 3.86 23.34
C PHE A 30 -0.01 4.24 22.74
N HIS A 31 -0.02 4.81 21.52
CA HIS A 31 1.21 5.14 20.83
C HIS A 31 1.27 6.64 20.57
N GLN A 32 2.49 7.19 20.59
CA GLN A 32 2.80 8.46 19.97
C GLN A 32 3.23 8.19 18.54
N VAL A 33 2.66 8.93 17.58
CA VAL A 33 2.89 8.65 16.18
C VAL A 33 3.75 9.77 15.59
N VAL A 34 4.99 9.42 15.21
CA VAL A 34 5.92 10.37 14.64
C VAL A 34 5.75 10.36 13.12
N ILE A 35 5.52 11.55 12.56
CA ILE A 35 5.19 11.71 11.15
C ILE A 35 6.42 12.22 10.40
N ALA A 36 6.92 11.41 9.47
CA ALA A 36 7.95 11.82 8.53
C ALA A 36 7.29 12.05 7.18
N SER A 37 8.12 12.35 6.16
CA SER A 37 7.61 12.74 4.86
C SER A 37 6.91 11.58 4.14
N ASP A 38 7.40 10.35 4.32
CA ASP A 38 6.95 9.21 3.53
C ASP A 38 6.38 8.09 4.41
N ARG A 39 6.54 8.22 5.73
CA ARG A 39 6.20 7.15 6.65
C ARG A 39 5.97 7.75 8.03
N VAL A 40 5.54 6.87 8.92
CA VAL A 40 5.02 7.22 10.22
C VAL A 40 5.54 6.17 11.21
N VAL A 41 5.95 6.59 12.41
CA VAL A 41 6.51 5.68 13.39
C VAL A 41 5.66 5.69 14.66
N CYS A 42 5.05 4.54 14.97
CA CYS A 42 4.33 4.36 16.21
C CYS A 42 5.31 4.01 17.33
N LEU A 43 5.36 4.85 18.36
CA LEU A 43 6.19 4.61 19.53
C LEU A 43 5.29 4.33 20.74
N PRO A 44 5.43 3.15 21.38
CA PRO A 44 4.54 2.76 22.48
C PRO A 44 4.78 3.62 23.71
N ARG A 45 3.70 4.06 24.36
CA ARG A 45 3.77 4.93 25.53
C ARG A 45 4.04 4.11 26.78
N THR A 46 3.74 2.80 26.72
CA THR A 46 3.92 1.91 27.88
C THR A 46 4.31 0.51 27.40
N ALA A 47 4.71 -0.32 28.37
CA ALA A 47 4.94 -1.74 28.16
C ALA A 47 3.68 -2.38 27.56
N ALA A 48 2.51 -2.03 28.12
CA ALA A 48 1.24 -2.51 27.62
C ALA A 48 1.06 -2.13 26.16
N ALA A 49 1.37 -0.88 25.82
CA ALA A 49 1.23 -0.40 24.45
C ALA A 49 2.16 -1.18 23.52
N ALA A 50 3.37 -1.49 24.01
CA ALA A 50 4.35 -2.21 23.22
C ALA A 50 3.83 -3.62 22.90
N ALA A 51 3.14 -4.22 23.86
CA ALA A 51 2.57 -5.55 23.71
C ALA A 51 1.46 -5.58 22.65
N ARG A 52 0.89 -4.42 22.33
CA ARG A 52 -0.21 -4.32 21.38
C ARG A 52 0.27 -4.21 19.93
N LEU A 53 1.53 -3.81 19.71
CA LEU A 53 1.99 -3.45 18.37
C LEU A 53 2.07 -4.65 17.44
N PRO A 54 2.41 -5.88 17.92
CA PRO A 54 2.35 -7.06 17.07
C PRO A 54 0.99 -7.27 16.40
N ARG A 55 -0.08 -7.15 17.20
CA ARG A 55 -1.45 -7.25 16.72
C ARG A 55 -1.78 -6.10 15.77
N ARG A 56 -1.29 -4.89 16.10
CA ARG A 56 -1.52 -3.72 15.26
CA ARG A 56 -1.51 -3.71 15.27
C ARG A 56 -0.89 -3.95 13.89
N ALA A 57 0.30 -4.59 13.87
CA ALA A 57 0.98 -4.89 12.62
C ALA A 57 0.11 -5.79 11.75
N ALA A 58 -0.51 -6.80 12.38
CA ALA A 58 -1.38 -7.75 11.70
C ALA A 58 -2.62 -7.03 11.17
N VAL A 59 -3.23 -6.20 12.01
CA VAL A 59 -4.44 -5.48 11.66
C VAL A 59 -4.18 -4.62 10.42
N MET A 60 -3.05 -3.89 10.42
CA MET A 60 -2.75 -3.00 9.32
C MET A 60 -2.46 -3.80 8.05
N ARG A 61 -1.87 -5.00 8.19
CA ARG A 61 -1.64 -5.85 7.03
C ARG A 61 -2.98 -6.28 6.43
N VAL A 62 -3.93 -6.66 7.29
CA VAL A 62 -5.24 -7.07 6.83
C VAL A 62 -5.92 -5.92 6.09
N LEU A 63 -5.83 -4.70 6.63
CA LEU A 63 -6.46 -3.54 6.01
C LEU A 63 -5.83 -3.26 4.63
N ALA A 64 -4.51 -3.45 4.53
CA ALA A 64 -3.76 -3.21 3.30
C ALA A 64 -4.23 -4.14 2.17
N GLY A 65 -4.88 -5.25 2.52
CA GLY A 65 -5.36 -6.22 1.55
C GLY A 65 -6.83 -6.05 1.18
N LEU A 66 -7.55 -5.11 1.80
CA LEU A 66 -8.97 -4.93 1.51
C LEU A 66 -9.15 -4.12 0.22
N ASP A 67 -10.34 -4.27 -0.36
CA ASP A 67 -10.71 -3.60 -1.60
C ASP A 67 -11.56 -2.38 -1.24
N LEU A 68 -10.89 -1.25 -0.98
CA LEU A 68 -11.56 -0.06 -0.47
C LEU A 68 -11.61 1.04 -1.52
N GLY A 69 -10.90 0.82 -2.64
CA GLY A 69 -10.79 1.83 -3.68
C GLY A 69 -9.76 2.92 -3.35
N CYS A 70 -8.98 2.73 -2.28
CA CYS A 70 -8.02 3.72 -1.84
C CYS A 70 -6.90 3.06 -1.03
N ARG A 71 -5.95 3.90 -0.60
CA ARG A 71 -4.79 3.47 0.17
C ARG A 71 -5.10 3.45 1.66
N THR A 72 -4.27 2.69 2.38
CA THR A 72 -4.25 2.62 3.84
C THR A 72 -2.80 2.59 4.28
N PRO A 73 -2.50 2.88 5.58
CA PRO A 73 -1.13 2.87 6.08
C PRO A 73 -0.65 1.42 6.13
N ARG A 74 0.31 1.14 5.25
CA ARG A 74 0.84 -0.20 5.06
C ARG A 74 1.98 -0.44 6.06
N PRO A 75 1.99 -1.56 6.81
CA PRO A 75 3.07 -1.82 7.77
C PRO A 75 4.35 -2.14 7.03
N LEU A 76 5.46 -1.54 7.49
CA LEU A 76 6.75 -1.70 6.85
C LEU A 76 7.67 -2.61 7.68
N CYS A 77 7.12 -3.31 8.67
CA CYS A 77 7.85 -4.35 9.38
C CYS A 77 7.86 -5.62 8.54
N GLU A 78 8.63 -6.63 8.98
CA GLU A 78 8.51 -7.95 8.41
C GLU A 78 7.37 -8.68 9.09
N GLY A 79 6.77 -9.64 8.37
CA GLY A 79 5.58 -10.37 8.80
C GLY A 79 5.76 -11.06 10.15
N SER A 80 6.99 -11.47 10.44
CA SER A 80 7.31 -12.17 11.67
C SER A 80 7.17 -11.26 12.89
N ALA A 81 7.13 -9.94 12.69
CA ALA A 81 6.90 -9.00 13.78
C ALA A 81 5.56 -9.28 14.48
N GLU A 82 4.60 -9.87 13.76
CA GLU A 82 3.29 -10.20 14.32
C GLU A 82 3.40 -11.32 15.36
N GLY A 83 4.50 -12.08 15.34
CA GLY A 83 4.70 -13.17 16.29
C GLY A 83 5.35 -12.73 17.59
N ALA A 84 5.78 -11.45 17.67
CA ALA A 84 6.51 -10.96 18.82
C ALA A 84 5.57 -10.77 20.01
N VAL A 85 6.17 -10.78 21.22
CA VAL A 85 5.47 -10.47 22.45
C VAL A 85 5.17 -8.98 22.50
N GLU A 86 6.12 -8.18 22.02
CA GLU A 86 5.98 -6.74 21.97
C GLU A 86 6.97 -6.21 20.93
N LEU A 87 6.72 -4.97 20.46
CA LEU A 87 7.63 -4.28 19.56
C LEU A 87 7.95 -2.92 20.15
N PRO A 88 9.19 -2.42 19.98
CA PRO A 88 9.54 -1.07 20.46
C PRO A 88 9.11 0.04 19.51
N PHE A 89 8.64 -0.33 18.31
CA PHE A 89 8.08 0.61 17.36
C PHE A 89 7.35 -0.15 16.25
N LEU A 90 6.54 0.58 15.48
CA LEU A 90 5.97 0.06 14.24
C LEU A 90 5.95 1.21 13.22
N VAL A 91 6.54 0.96 12.06
CA VAL A 91 6.59 1.91 10.96
C VAL A 91 5.50 1.56 9.97
N LEU A 92 4.74 2.58 9.53
CA LEU A 92 3.70 2.44 8.53
C LEU A 92 3.97 3.43 7.40
N SER A 93 3.53 3.08 6.19
CA SER A 93 3.57 4.01 5.06
C SER A 93 2.65 5.19 5.36
N ARG A 94 3.01 6.34 4.80
CA ARG A 94 2.20 7.53 4.99
C ARG A 94 1.30 7.68 3.76
N VAL A 95 0.00 7.84 4.00
CA VAL A 95 -0.95 8.07 2.93
C VAL A 95 -0.79 9.51 2.48
N PRO A 96 -0.61 9.78 1.16
CA PRO A 96 -0.54 11.14 0.64
C PRO A 96 -1.90 11.82 0.53
N GLY A 97 -1.87 13.15 0.35
CA GLY A 97 -3.06 13.97 0.16
C GLY A 97 -3.40 14.79 1.39
N ALA A 98 -4.52 15.52 1.33
CA ALA A 98 -4.96 16.41 2.41
C ALA A 98 -6.45 16.24 2.65
N PRO A 99 -6.98 16.60 3.83
CA PRO A 99 -8.43 16.61 4.06
C PRO A 99 -9.18 17.51 3.09
N LEU A 100 -10.44 17.19 2.85
CA LEU A 100 -11.33 18.02 2.05
C LEU A 100 -12.11 18.93 3.00
N GLU A 101 -11.93 20.25 2.84
CA GLU A 101 -12.72 21.22 3.58
C GLU A 101 -14.16 21.17 3.09
N ALA A 102 -15.10 21.42 4.02
CA ALA A 102 -16.52 21.18 3.81
C ALA A 102 -17.06 22.00 2.64
N ASP A 103 -16.56 23.23 2.46
CA ASP A 103 -17.17 24.18 1.55
C ASP A 103 -16.98 23.73 0.10
N ALA A 104 -16.03 22.80 -0.13
CA ALA A 104 -15.86 22.18 -1.44
C ALA A 104 -17.14 21.48 -1.87
N LEU A 105 -17.92 20.98 -0.91
CA LEU A 105 -19.10 20.19 -1.20
C LEU A 105 -20.28 21.06 -1.63
N GLU A 106 -20.13 22.39 -1.56
CA GLU A 106 -21.17 23.32 -1.99
C GLU A 106 -21.34 23.27 -3.51
N ASP A 107 -20.28 22.86 -4.23
CA ASP A 107 -20.41 22.50 -5.63
C ASP A 107 -20.96 21.08 -5.71
N SER A 108 -22.05 20.91 -6.45
CA SER A 108 -22.84 19.68 -6.39
C SER A 108 -22.17 18.54 -7.17
N LYS A 109 -21.37 18.87 -8.19
CA LYS A 109 -20.68 17.85 -8.95
C LYS A 109 -19.56 17.26 -8.10
N VAL A 110 -18.90 18.13 -7.32
CA VAL A 110 -17.87 17.71 -6.39
C VAL A 110 -18.48 16.77 -5.35
N ALA A 111 -19.66 17.16 -4.83
CA ALA A 111 -20.35 16.40 -3.80
C ALA A 111 -20.71 15.00 -4.32
N GLU A 112 -21.24 14.93 -5.54
CA GLU A 112 -21.56 13.65 -6.15
C GLU A 112 -20.34 12.75 -6.14
N VAL A 113 -19.20 13.31 -6.59
CA VAL A 113 -18.00 12.53 -6.83
C VAL A 113 -17.37 12.14 -5.50
N VAL A 114 -17.42 13.04 -4.51
CA VAL A 114 -16.90 12.75 -3.19
C VAL A 114 -17.80 11.72 -2.49
N ALA A 115 -19.12 11.90 -2.56
CA ALA A 115 -20.04 10.94 -1.99
C ALA A 115 -19.76 9.54 -2.54
N ALA A 116 -19.56 9.45 -3.87
CA ALA A 116 -19.43 8.14 -4.51
C ALA A 116 -18.18 7.40 -4.01
N GLN A 117 -17.10 8.13 -3.75
CA GLN A 117 -15.86 7.52 -3.31
C GLN A 117 -15.96 7.09 -1.85
N TYR A 118 -16.66 7.90 -1.03
CA TYR A 118 -17.01 7.48 0.31
C TYR A 118 -17.77 6.15 0.26
N VAL A 119 -18.70 6.01 -0.69
CA VAL A 119 -19.52 4.83 -0.80
C VAL A 119 -18.65 3.62 -1.16
N THR A 120 -17.72 3.80 -2.11
CA THR A 120 -16.80 2.74 -2.47
C THR A 120 -16.03 2.28 -1.23
N LEU A 121 -15.55 3.24 -0.44
CA LEU A 121 -14.81 2.93 0.79
C LEU A 121 -15.67 2.17 1.78
N LEU A 122 -16.88 2.68 2.05
CA LEU A 122 -17.74 2.12 3.07
C LEU A 122 -18.29 0.76 2.63
N SER A 123 -18.52 0.60 1.32
CA SER A 123 -18.98 -0.66 0.77
C SER A 123 -17.90 -1.72 0.90
N GLY A 124 -16.65 -1.33 0.63
CA GLY A 124 -15.50 -2.20 0.84
C GLY A 124 -15.37 -2.62 2.31
N LEU A 125 -15.56 -1.66 3.22
CA LEU A 125 -15.50 -1.95 4.65
C LEU A 125 -16.65 -2.87 5.07
N ALA A 126 -17.85 -2.67 4.52
CA ALA A 126 -19.00 -3.49 4.88
C ALA A 126 -18.81 -4.93 4.44
N SER A 127 -18.43 -5.16 3.17
CA SER A 127 -18.24 -6.52 2.68
C SER A 127 -17.09 -7.21 3.42
N ALA A 128 -16.03 -6.47 3.79
CA ALA A 128 -14.93 -7.05 4.53
C ALA A 128 -15.39 -7.54 5.90
N GLY A 129 -16.36 -6.85 6.50
CA GLY A 129 -16.91 -7.22 7.79
C GLY A 129 -17.78 -8.48 7.75
N ALA A 130 -18.13 -8.95 6.55
CA ALA A 130 -18.82 -10.22 6.38
C ALA A 130 -17.83 -11.34 6.04
N ASP A 131 -16.53 -11.02 6.07
CA ASP A 131 -15.47 -11.97 5.75
C ASP A 131 -14.94 -12.57 7.05
N GLU A 132 -15.00 -13.91 7.16
CA GLU A 132 -14.72 -14.62 8.39
C GLU A 132 -13.27 -14.39 8.85
N LYS A 133 -12.33 -14.37 7.90
CA LYS A 133 -10.92 -14.21 8.23
C LYS A 133 -10.64 -12.80 8.71
N VAL A 134 -11.34 -11.81 8.13
CA VAL A 134 -11.21 -10.43 8.58
C VAL A 134 -11.77 -10.31 9.99
N ARG A 135 -12.97 -10.88 10.19
CA ARG A 135 -13.67 -10.80 11.46
C ARG A 135 -12.83 -11.44 12.57
N ALA A 136 -12.04 -12.47 12.21
CA ALA A 136 -11.20 -13.16 13.17
C ALA A 136 -9.97 -12.32 13.53
N ALA A 137 -9.56 -11.42 12.63
CA ALA A 137 -8.33 -10.66 12.83
C ALA A 137 -8.57 -9.35 13.58
N LEU A 138 -9.82 -8.85 13.60
CA LEU A 138 -10.09 -7.55 14.18
C LEU A 138 -10.80 -7.69 15.52
N PRO A 139 -10.68 -6.68 16.42
CA PRO A 139 -11.44 -6.67 17.66
C PRO A 139 -12.91 -6.44 17.38
N ALA A 140 -13.78 -7.03 18.21
CA ALA A 140 -15.21 -6.90 18.07
C ALA A 140 -15.84 -6.86 19.46
N PRO A 141 -15.60 -5.80 20.26
CA PRO A 141 -16.14 -5.72 21.62
C PRO A 141 -17.67 -5.76 21.57
N GLN A 142 -18.27 -6.31 22.63
CA GLN A 142 -19.71 -6.39 22.75
C GLN A 142 -20.18 -5.35 23.78
N GLY A 143 -21.39 -4.84 23.58
CA GLY A 143 -21.94 -3.79 24.44
C GLY A 143 -21.04 -2.57 24.56
N ARG A 144 -20.49 -2.11 23.43
CA ARG A 144 -19.53 -1.01 23.44
C ARG A 144 -20.23 0.31 23.77
N TRP A 145 -21.50 0.44 23.37
CA TRP A 145 -22.25 1.68 23.55
C TRP A 145 -22.55 1.91 25.03
N ARG A 146 -23.05 0.87 25.69
CA ARG A 146 -23.29 0.90 27.12
C ARG A 146 -22.01 1.28 27.85
N GLN A 147 -20.89 0.66 27.45
CA GLN A 147 -19.60 0.89 28.10
C GLN A 147 -19.06 2.27 27.76
N PHE A 148 -19.31 2.74 26.52
CA PHE A 148 -18.89 4.08 26.11
C PHE A 148 -19.54 5.14 26.99
N ALA A 149 -20.86 5.01 27.22
CA ALA A 149 -21.61 5.93 28.06
C ALA A 149 -21.00 5.96 29.47
N ALA A 150 -20.67 4.77 29.99
CA ALA A 150 -20.02 4.65 31.27
C ALA A 150 -18.69 5.40 31.30
N ASP A 151 -17.93 5.30 30.20
CA ASP A 151 -16.62 5.92 30.10
C ASP A 151 -16.74 7.44 30.02
N VAL A 152 -17.77 7.93 29.32
CA VAL A 152 -18.00 9.36 29.24
C VAL A 152 -18.33 9.89 30.63
N ARG A 153 -19.27 9.24 31.31
CA ARG A 153 -19.70 9.66 32.65
C ARG A 153 -18.51 9.66 33.60
N ALA A 154 -17.65 8.65 33.52
CA ALA A 154 -16.53 8.52 34.44
C ALA A 154 -15.43 9.54 34.14
N GLU A 155 -15.11 9.75 32.86
CA GLU A 155 -13.88 10.42 32.47
C GLU A 155 -14.12 11.86 32.02
N LEU A 156 -15.31 12.18 31.50
CA LEU A 156 -15.54 13.49 30.91
C LEU A 156 -16.47 14.34 31.79
N PHE A 157 -17.47 13.72 32.44
CA PHE A 157 -18.42 14.50 33.22
C PHE A 157 -17.69 15.35 34.26
N PRO A 158 -16.64 14.84 34.95
CA PRO A 158 -15.84 15.67 35.86
C PRO A 158 -15.28 16.95 35.24
N LEU A 159 -15.20 17.01 33.91
CA LEU A 159 -14.66 18.18 33.22
C LEU A 159 -15.78 19.08 32.68
N MET A 160 -17.04 18.69 32.93
CA MET A 160 -18.18 19.38 32.33
C MET A 160 -18.90 20.22 33.39
N SER A 161 -19.65 21.22 32.92
CA SER A 161 -20.63 21.92 33.74
C SER A 161 -21.85 21.03 33.96
N ASP A 162 -22.75 21.47 34.84
CA ASP A 162 -23.98 20.74 35.12
C ASP A 162 -24.86 20.73 33.88
N GLY A 163 -24.91 21.89 33.19
CA GLY A 163 -25.60 22.00 31.91
C GLY A 163 -25.07 20.97 30.90
N GLY A 164 -23.72 20.90 30.79
CA GLY A 164 -23.06 19.97 29.89
C GLY A 164 -23.39 18.51 30.20
N CYS A 165 -23.39 18.17 31.50
CA CYS A 165 -23.70 16.82 31.94
C CYS A 165 -25.13 16.45 31.60
N ARG A 166 -26.06 17.43 31.65
CA ARG A 166 -27.45 17.18 31.33
C ARG A 166 -27.60 16.97 29.83
N GLN A 167 -26.91 17.80 29.03
CA GLN A 167 -26.89 17.62 27.58
C GLN A 167 -26.35 16.23 27.23
N ALA A 168 -25.24 15.84 27.86
CA ALA A 168 -24.63 14.55 27.58
C ALA A 168 -25.60 13.42 27.93
N GLU A 169 -26.27 13.52 29.08
CA GLU A 169 -27.11 12.45 29.57
C GLU A 169 -28.20 12.12 28.55
N ARG A 170 -28.79 13.15 27.94
CA ARG A 170 -29.85 12.92 26.97
C ARG A 170 -29.26 12.22 25.75
N GLU A 171 -27.99 12.53 25.42
CA GLU A 171 -27.32 11.95 24.26
C GLU A 171 -26.95 10.50 24.55
N LEU A 172 -26.47 10.23 25.77
CA LEU A 172 -26.10 8.89 26.15
C LEU A 172 -27.34 8.02 26.35
N ALA A 173 -28.50 8.66 26.58
CA ALA A 173 -29.73 7.97 26.94
C ALA A 173 -30.12 6.93 25.90
N ALA A 174 -30.09 7.34 24.63
CA ALA A 174 -30.57 6.51 23.53
C ALA A 174 -29.63 5.33 23.29
N LEU A 175 -28.38 5.41 23.78
CA LEU A 175 -27.36 4.43 23.41
C LEU A 175 -27.74 3.03 23.87
N ASP A 176 -28.34 2.91 25.06
CA ASP A 176 -28.60 1.61 25.63
C ASP A 176 -29.60 0.82 24.78
N SER A 177 -30.48 1.51 24.04
CA SER A 177 -31.44 0.84 23.19
C SER A 177 -30.95 0.71 21.75
N LEU A 178 -29.68 1.08 21.46
CA LEU A 178 -29.11 0.83 20.15
C LEU A 178 -28.95 -0.67 19.92
N PRO A 179 -29.41 -1.25 18.79
CA PRO A 179 -29.00 -2.60 18.43
C PRO A 179 -27.47 -2.64 18.39
N ASP A 180 -26.89 -3.74 18.88
CA ASP A 180 -25.44 -3.91 18.92
C ASP A 180 -24.99 -4.66 17.67
N ILE A 181 -24.52 -3.89 16.67
CA ILE A 181 -24.28 -4.40 15.33
C ILE A 181 -22.78 -4.64 15.15
N THR A 182 -22.41 -5.86 14.75
CA THR A 182 -21.03 -6.21 14.45
C THR A 182 -20.96 -6.80 13.04
N GLU A 183 -21.14 -5.94 12.03
CA GLU A 183 -21.38 -6.39 10.66
C GLU A 183 -20.37 -5.83 9.67
N ALA A 184 -19.77 -4.66 9.95
CA ALA A 184 -18.86 -4.04 9.02
C ALA A 184 -17.49 -3.87 9.68
N VAL A 185 -16.44 -3.74 8.87
CA VAL A 185 -15.21 -3.14 9.39
C VAL A 185 -15.53 -1.67 9.59
N VAL A 186 -15.26 -1.16 10.81
CA VAL A 186 -15.62 0.19 11.18
C VAL A 186 -14.34 0.91 11.60
N HIS A 187 -14.03 2.01 10.91
CA HIS A 187 -12.84 2.80 11.17
C HIS A 187 -12.87 3.31 12.61
N GLY A 188 -14.01 3.91 12.97
CA GLY A 188 -14.25 4.30 14.35
C GLY A 188 -13.88 5.75 14.65
N ASN A 189 -13.28 6.45 13.66
CA ASN A 189 -12.92 7.85 13.83
C ASN A 189 -12.82 8.52 12.46
N LEU A 190 -13.85 8.33 11.63
CA LEU A 190 -13.78 8.72 10.22
C LEU A 190 -14.18 10.18 10.02
N GLY A 191 -13.63 11.09 10.83
CA GLY A 191 -13.73 12.52 10.56
C GLY A 191 -12.92 12.94 9.33
N ALA A 192 -13.21 14.14 8.83
CA ALA A 192 -12.62 14.68 7.61
C ALA A 192 -11.09 14.69 7.68
N GLU A 193 -10.54 14.86 8.89
CA GLU A 193 -9.09 14.99 9.04
C GLU A 193 -8.40 13.66 8.73
N ASN A 194 -9.15 12.55 8.70
CA ASN A 194 -8.56 11.22 8.50
C ASN A 194 -8.83 10.70 7.09
N VAL A 195 -9.50 11.50 6.26
CA VAL A 195 -9.80 11.11 4.90
C VAL A 195 -9.05 12.07 3.97
N LEU A 196 -8.14 11.51 3.18
CA LEU A 196 -7.17 12.31 2.45
C LEU A 196 -7.46 12.22 0.97
N TRP A 197 -7.34 13.37 0.30
CA TRP A 197 -7.74 13.54 -1.08
C TRP A 197 -6.59 14.12 -1.87
N VAL A 198 -6.52 13.75 -3.14
CA VAL A 198 -5.71 14.47 -4.13
C VAL A 198 -6.67 15.28 -5.00
N ARG A 199 -6.44 16.60 -5.06
CA ARG A 199 -7.26 17.49 -5.86
C ARG A 199 -6.37 18.42 -6.68
N ASP A 200 -5.30 17.85 -7.24
CA ASP A 200 -4.38 18.63 -8.05
C ASP A 200 -4.91 18.66 -9.48
N ASP A 201 -5.08 17.48 -10.10
CA ASP A 201 -5.30 17.44 -11.54
C ASP A 201 -6.79 17.44 -11.90
N GLY A 202 -7.72 17.42 -10.92
CA GLY A 202 -9.14 17.49 -11.27
C GLY A 202 -10.08 17.63 -10.07
N LEU A 203 -11.25 16.97 -10.15
CA LEU A 203 -12.15 16.92 -9.00
C LEU A 203 -11.48 16.09 -7.91
N PRO A 204 -11.85 16.26 -6.61
CA PRO A 204 -11.23 15.51 -5.53
C PRO A 204 -11.28 14.00 -5.75
N ARG A 205 -10.10 13.38 -5.59
CA ARG A 205 -9.95 11.92 -5.74
C ARG A 205 -9.45 11.39 -4.40
N LEU A 206 -10.12 10.36 -3.87
CA LEU A 206 -9.78 9.80 -2.57
C LEU A 206 -8.41 9.13 -2.67
N SER A 207 -7.44 9.68 -1.94
CA SER A 207 -6.09 9.12 -1.87
C SER A 207 -6.08 7.94 -0.90
N GLY A 208 -6.58 8.16 0.31
CA GLY A 208 -6.65 7.10 1.30
C GLY A 208 -7.12 7.57 2.67
N VAL A 209 -7.04 6.65 3.63
CA VAL A 209 -7.60 6.87 4.95
C VAL A 209 -6.54 6.53 5.99
N ILE A 210 -6.41 7.39 7.02
CA ILE A 210 -5.42 7.23 8.06
C ILE A 210 -6.09 7.06 9.41
N ASP A 211 -5.26 6.81 10.43
CA ASP A 211 -5.61 6.79 11.84
C ASP A 211 -6.65 5.71 12.11
N TRP A 212 -6.22 4.45 12.00
CA TRP A 212 -7.08 3.30 12.19
C TRP A 212 -7.01 2.74 13.62
N ASP A 213 -6.64 3.59 14.59
CA ASP A 213 -6.44 3.15 15.97
C ASP A 213 -7.69 2.49 16.55
N GLU A 214 -8.89 2.97 16.17
CA GLU A 214 -10.12 2.50 16.78
C GLU A 214 -10.84 1.47 15.92
N VAL A 215 -10.16 0.89 14.92
CA VAL A 215 -10.80 -0.03 13.97
C VAL A 215 -11.31 -1.27 14.68
N SER A 216 -12.48 -1.76 14.22
CA SER A 216 -13.11 -2.93 14.78
C SER A 216 -14.11 -3.50 13.77
N ILE A 217 -14.69 -4.65 14.11
CA ILE A 217 -15.94 -5.12 13.52
C ILE A 217 -17.05 -4.49 14.35
N GLY A 218 -17.94 -3.75 13.69
CA GLY A 218 -18.91 -2.96 14.42
C GLY A 218 -20.07 -2.52 13.54
N ASP A 219 -20.66 -1.39 13.92
CA ASP A 219 -21.83 -0.85 13.27
C ASP A 219 -21.38 0.18 12.23
N PRO A 220 -21.70 -0.01 10.93
CA PRO A 220 -21.36 0.98 9.91
C PRO A 220 -21.95 2.38 10.17
N ALA A 221 -23.03 2.45 10.96
CA ALA A 221 -23.63 3.71 11.36
C ALA A 221 -22.63 4.60 12.09
N GLU A 222 -21.61 4.01 12.73
CA GLU A 222 -20.58 4.77 13.44
C GLU A 222 -19.75 5.61 12.49
N ASP A 223 -19.43 5.06 11.30
CA ASP A 223 -18.62 5.77 10.32
C ASP A 223 -19.50 6.79 9.59
N LEU A 224 -20.76 6.40 9.33
CA LEU A 224 -21.69 7.29 8.67
C LEU A 224 -22.00 8.50 9.56
N ALA A 225 -22.09 8.27 10.87
CA ALA A 225 -22.28 9.33 11.85
C ALA A 225 -21.14 10.35 11.79
N ALA A 226 -19.89 9.86 11.72
CA ALA A 226 -18.71 10.71 11.65
C ALA A 226 -18.82 11.64 10.44
N ILE A 227 -19.25 11.09 9.30
CA ILE A 227 -19.41 11.85 8.07
C ILE A 227 -20.50 12.92 8.27
N GLY A 228 -21.62 12.51 8.86
CA GLY A 228 -22.73 13.40 9.16
C GLY A 228 -22.34 14.55 10.10
N ALA A 229 -21.55 14.24 11.13
CA ALA A 229 -21.07 15.24 12.07
C ALA A 229 -20.19 16.28 11.36
N GLY A 230 -19.34 15.80 10.45
CA GLY A 230 -18.40 16.65 9.74
C GLY A 230 -19.04 17.51 8.64
N TYR A 231 -19.96 16.91 7.88
CA TYR A 231 -20.42 17.50 6.62
C TYR A 231 -21.92 17.77 6.60
N GLY A 232 -22.69 17.25 7.56
CA GLY A 232 -24.08 17.61 7.69
C GLY A 232 -25.01 16.73 6.85
N LYS A 233 -26.32 17.05 6.93
CA LYS A 233 -27.37 16.11 6.60
C LYS A 233 -27.45 15.87 5.10
N ASP A 234 -27.35 16.93 4.29
CA ASP A 234 -27.52 16.83 2.84
C ASP A 234 -26.45 15.91 2.25
N PHE A 235 -25.20 16.14 2.63
CA PHE A 235 -24.12 15.32 2.11
C PHE A 235 -24.28 13.88 2.60
N LEU A 236 -24.57 13.70 3.89
CA LEU A 236 -24.78 12.37 4.44
C LEU A 236 -25.85 11.63 3.63
N ASP A 237 -26.96 12.33 3.32
CA ASP A 237 -28.10 11.71 2.66
C ASP A 237 -27.72 11.24 1.27
N GLN A 238 -26.83 11.98 0.62
CA GLN A 238 -26.32 11.62 -0.69
C GLN A 238 -25.50 10.32 -0.59
N VAL A 239 -24.70 10.19 0.47
CA VAL A 239 -23.91 8.98 0.66
C VAL A 239 -24.87 7.81 0.92
N LEU A 240 -25.88 8.02 1.76
CA LEU A 240 -26.81 6.96 2.12
C LEU A 240 -27.57 6.50 0.88
N THR A 241 -28.05 7.46 0.06
CA THR A 241 -28.78 7.15 -1.16
C THR A 241 -27.89 6.32 -2.10
N LEU A 242 -26.67 6.82 -2.33
CA LEU A 242 -25.78 6.20 -3.29
C LEU A 242 -25.34 4.81 -2.81
N GLY A 243 -25.20 4.64 -1.49
CA GLY A 243 -24.74 3.39 -0.92
C GLY A 243 -25.86 2.39 -0.67
N GLY A 244 -27.12 2.83 -0.75
CA GLY A 244 -28.26 1.97 -0.46
C GLY A 244 -28.48 1.79 1.05
N TRP A 245 -28.24 2.86 1.82
CA TRP A 245 -28.28 2.79 3.27
C TRP A 245 -29.23 3.83 3.86
N SER A 246 -30.24 4.28 3.10
CA SER A 246 -31.08 5.38 3.55
C SER A 246 -32.34 4.88 4.24
N ASP A 247 -32.38 3.60 4.63
CA ASP A 247 -33.54 3.05 5.34
C ASP A 247 -33.65 3.67 6.73
N ARG A 248 -34.84 3.53 7.33
CA ARG A 248 -35.19 4.24 8.54
C ARG A 248 -34.37 3.73 9.73
N ARG A 249 -34.09 2.42 9.75
CA ARG A 249 -33.35 1.81 10.85
C ARG A 249 -31.94 2.39 10.91
N MET A 250 -31.25 2.37 9.76
CA MET A 250 -29.90 2.88 9.64
C MET A 250 -29.87 4.37 9.98
N ALA A 251 -30.80 5.14 9.42
CA ALA A 251 -30.82 6.58 9.62
C ALA A 251 -30.98 6.91 11.11
N THR A 252 -31.79 6.09 11.80
CA THR A 252 -32.07 6.29 13.21
C THR A 252 -30.81 6.02 14.03
N ARG A 253 -30.11 4.92 13.72
CA ARG A 253 -28.90 4.58 14.45
C ARG A 253 -27.88 5.69 14.24
N ILE A 254 -27.77 6.18 13.00
CA ILE A 254 -26.81 7.24 12.68
C ILE A 254 -27.11 8.47 13.53
N ALA A 255 -28.38 8.89 13.58
CA ALA A 255 -28.79 10.05 14.35
C ALA A 255 -28.37 9.88 15.80
N THR A 256 -28.65 8.70 16.37
CA THR A 256 -28.32 8.43 17.76
C THR A 256 -26.81 8.54 17.99
N ILE A 257 -26.01 7.92 17.11
CA ILE A 257 -24.56 7.88 17.28
C ILE A 257 -23.97 9.27 17.00
N ARG A 258 -24.52 9.93 15.98
CA ARG A 258 -24.06 11.25 15.58
C ARG A 258 -24.15 12.23 16.75
N ALA A 259 -25.19 12.10 17.59
CA ALA A 259 -25.38 12.97 18.74
C ALA A 259 -24.28 12.80 19.80
N THR A 260 -23.50 11.71 19.71
CA THR A 260 -22.44 11.40 20.66
C THR A 260 -21.04 11.65 20.09
N PHE A 261 -20.94 12.08 18.82
CA PHE A 261 -19.66 12.03 18.13
C PHE A 261 -18.66 13.00 18.74
N ALA A 262 -19.11 14.21 19.13
CA ALA A 262 -18.23 15.17 19.79
C ALA A 262 -17.70 14.59 21.09
N LEU A 263 -18.56 13.84 21.80
CA LEU A 263 -18.16 13.18 23.04
C LEU A 263 -17.11 12.11 22.77
N GLN A 264 -17.23 11.39 21.65
CA GLN A 264 -16.25 10.38 21.26
C GLN A 264 -14.89 11.04 21.06
N GLN A 265 -14.88 12.22 20.43
CA GLN A 265 -13.67 12.95 20.14
C GLN A 265 -13.07 13.46 21.46
N ALA A 266 -13.94 13.94 22.36
CA ALA A 266 -13.53 14.39 23.66
C ALA A 266 -12.92 13.23 24.47
N LEU A 267 -13.58 12.07 24.46
CA LEU A 267 -13.09 10.94 25.23
C LEU A 267 -11.69 10.55 24.74
N SER A 268 -11.52 10.48 23.41
CA SER A 268 -10.23 10.15 22.81
C SER A 268 -9.17 11.19 23.16
N ALA A 269 -9.51 12.48 23.03
CA ALA A 269 -8.58 13.55 23.32
C ALA A 269 -8.16 13.53 24.80
N CYS A 270 -9.10 13.16 25.68
CA CYS A 270 -8.85 13.04 27.10
C CYS A 270 -7.80 11.95 27.35
N ARG A 271 -7.95 10.80 26.69
CA ARG A 271 -7.09 9.64 26.93
C ARG A 271 -5.71 9.81 26.29
N ASP A 272 -5.59 10.60 25.22
CA ASP A 272 -4.32 10.68 24.51
C ASP A 272 -3.61 12.01 24.79
N GLY A 273 -4.21 12.84 25.65
CA GLY A 273 -3.54 14.02 26.18
C GLY A 273 -3.48 15.18 25.18
N ASP A 274 -4.37 15.18 24.19
CA ASP A 274 -4.44 16.28 23.24
C ASP A 274 -5.42 17.33 23.80
N GLU A 275 -4.86 18.39 24.38
CA GLU A 275 -5.65 19.36 25.13
C GLU A 275 -6.53 20.16 24.18
N GLU A 276 -6.03 20.44 22.96
CA GLU A 276 -6.76 21.25 22.00
C GLU A 276 -7.99 20.50 21.49
N GLU A 277 -7.82 19.20 21.20
CA GLU A 277 -8.92 18.38 20.70
C GLU A 277 -9.91 18.09 21.84
N LEU A 278 -9.42 18.11 23.09
CA LEU A 278 -10.31 17.99 24.24
C LEU A 278 -11.17 19.25 24.36
N ALA A 279 -10.55 20.43 24.18
CA ALA A 279 -11.27 21.69 24.26
C ALA A 279 -12.38 21.73 23.21
N ASP A 280 -12.02 21.42 21.96
CA ASP A 280 -12.97 21.40 20.85
C ASP A 280 -14.10 20.41 21.14
N GLY A 281 -13.72 19.18 21.54
CA GLY A 281 -14.67 18.11 21.79
C GLY A 281 -15.68 18.51 22.85
N LEU A 282 -15.20 19.25 23.87
CA LEU A 282 -16.02 19.64 24.99
C LEU A 282 -16.75 20.96 24.73
N THR A 283 -16.65 21.49 23.50
CA THR A 283 -17.36 22.72 23.17
C THR A 283 -18.84 22.54 23.48
N GLY A 284 -19.37 23.44 24.32
CA GLY A 284 -20.78 23.44 24.67
C GLY A 284 -21.14 22.41 25.74
N TYR A 285 -20.13 21.81 26.37
CA TYR A 285 -20.36 20.90 27.49
C TYR A 285 -19.79 21.48 28.78
N ARG A 286 -19.25 22.70 28.72
CA ARG A 286 -18.70 23.36 29.90
C ARG A 286 -18.72 24.89 29.72
N MET B 1 -6.52 9.64 -33.98
CA MET B 1 -7.35 9.72 -32.74
C MET B 1 -6.44 10.07 -31.55
N GLY B 2 -5.54 9.15 -31.19
CA GLY B 2 -4.72 9.30 -29.99
C GLY B 2 -5.34 8.57 -28.81
N ILE B 3 -4.49 7.95 -27.97
CA ILE B 3 -4.94 6.99 -26.97
C ILE B 3 -5.76 7.72 -25.89
N LEU B 4 -5.32 8.94 -25.54
CA LEU B 4 -5.98 9.74 -24.53
C LEU B 4 -7.39 10.14 -24.97
N GLN B 5 -7.50 10.69 -26.20
CA GLN B 5 -8.81 11.03 -26.74
C GLN B 5 -9.65 9.76 -26.89
N ALA B 6 -9.01 8.65 -27.31
CA ALA B 6 -9.72 7.43 -27.65
C ALA B 6 -10.41 6.82 -26.42
N ASN B 7 -9.81 7.01 -25.23
CA ASN B 7 -10.26 6.32 -24.03
C ASN B 7 -10.89 7.33 -23.07
N ARG B 8 -11.47 8.39 -23.63
CA ARG B 8 -11.81 9.58 -22.88
C ARG B 8 -13.03 9.33 -21.98
N VAL B 9 -13.99 8.52 -22.44
CA VAL B 9 -15.17 8.24 -21.64
C VAL B 9 -14.71 7.64 -20.30
N LEU B 10 -13.89 6.59 -20.37
CA LEU B 10 -13.41 5.90 -19.18
C LEU B 10 -12.59 6.86 -18.31
N LEU B 11 -11.72 7.65 -18.94
CA LEU B 11 -10.82 8.54 -18.21
C LEU B 11 -11.62 9.61 -17.45
N SER B 12 -12.71 10.10 -18.03
CA SER B 12 -13.54 11.08 -17.34
C SER B 12 -14.22 10.43 -16.14
N ARG B 13 -14.52 9.14 -16.23
CA ARG B 13 -15.15 8.42 -15.13
C ARG B 13 -14.11 8.14 -14.04
N LEU B 14 -12.91 7.70 -14.43
CA LEU B 14 -11.89 7.27 -13.46
C LEU B 14 -11.13 8.46 -12.89
N LEU B 15 -10.98 9.53 -13.68
CA LEU B 15 -10.23 10.70 -13.29
C LEU B 15 -11.09 11.93 -13.54
N PRO B 16 -12.16 12.12 -12.75
CA PRO B 16 -13.13 13.19 -13.01
C PRO B 16 -12.46 14.57 -12.98
N GLY B 17 -12.70 15.35 -14.04
CA GLY B 17 -12.23 16.71 -14.12
C GLY B 17 -10.78 16.83 -14.58
N VAL B 18 -10.12 15.69 -14.85
CA VAL B 18 -8.72 15.69 -15.25
C VAL B 18 -8.62 15.82 -16.76
N GLU B 19 -7.87 16.82 -17.24
CA GLU B 19 -7.69 17.05 -18.66
C GLU B 19 -6.90 15.88 -19.25
N PRO B 20 -7.50 15.07 -20.15
CA PRO B 20 -6.81 13.90 -20.70
C PRO B 20 -5.49 14.22 -21.41
N GLU B 21 -5.45 15.36 -22.11
CA GLU B 21 -4.30 15.77 -22.89
C GLU B 21 -3.14 16.23 -21.99
N GLY B 22 -3.41 16.40 -20.69
CA GLY B 22 -2.37 16.66 -19.72
C GLY B 22 -1.77 15.39 -19.13
N LEU B 23 -2.27 14.22 -19.55
CA LEU B 23 -1.78 12.95 -19.05
C LEU B 23 -0.68 12.41 -19.97
N THR B 24 0.03 11.39 -19.45
CA THR B 24 1.04 10.65 -20.18
C THR B 24 0.57 9.21 -20.35
N VAL B 25 1.00 8.58 -21.45
CA VAL B 25 0.76 7.17 -21.67
C VAL B 25 2.11 6.48 -21.84
N ARG B 26 2.40 5.53 -20.94
CA ARG B 26 3.58 4.68 -21.07
C ARG B 26 3.18 3.49 -21.92
N HIS B 27 3.92 3.29 -23.02
CA HIS B 27 3.58 2.30 -24.04
C HIS B 27 4.17 0.96 -23.63
N GLY B 28 3.41 0.18 -22.85
CA GLY B 28 3.87 -1.10 -22.34
C GLY B 28 3.80 -2.20 -23.40
N GLN B 29 4.37 -3.36 -23.07
CA GLN B 29 4.41 -4.50 -23.96
C GLN B 29 2.99 -5.04 -24.16
N PHE B 30 2.27 -5.27 -23.05
CA PHE B 30 0.93 -5.84 -23.08
C PHE B 30 -0.12 -4.77 -22.83
N HIS B 31 0.22 -3.76 -22.02
CA HIS B 31 -0.74 -2.79 -21.54
C HIS B 31 -0.35 -1.39 -22.00
N GLN B 32 -1.35 -0.60 -22.42
CA GLN B 32 -1.22 0.85 -22.47
C GLN B 32 -1.54 1.40 -21.08
N VAL B 33 -0.57 2.10 -20.48
CA VAL B 33 -0.72 2.59 -19.12
C VAL B 33 -0.86 4.12 -19.15
N VAL B 34 -2.03 4.63 -18.75
CA VAL B 34 -2.23 6.07 -18.58
C VAL B 34 -1.76 6.47 -17.18
N ILE B 35 -0.93 7.52 -17.13
CA ILE B 35 -0.30 7.99 -15.91
C ILE B 35 -0.98 9.28 -15.44
N ALA B 36 -1.57 9.24 -14.24
CA ALA B 36 -2.11 10.41 -13.56
C ALA B 36 -1.25 10.70 -12.33
N SER B 37 -1.61 11.72 -11.55
CA SER B 37 -0.74 12.21 -10.49
C SER B 37 -0.47 11.16 -9.42
N ASP B 38 -1.48 10.34 -9.09
CA ASP B 38 -1.36 9.43 -7.96
C ASP B 38 -1.75 8.00 -8.33
N ARG B 39 -2.01 7.74 -9.61
CA ARG B 39 -2.46 6.42 -10.03
C ARG B 39 -2.28 6.27 -11.53
N VAL B 40 -2.40 5.03 -12.00
CA VAL B 40 -2.32 4.72 -13.41
C VAL B 40 -3.52 3.86 -13.79
N VAL B 41 -3.88 3.89 -15.08
CA VAL B 41 -4.93 3.07 -15.62
C VAL B 41 -4.32 2.13 -16.66
N CYS B 42 -4.38 0.82 -16.39
CA CYS B 42 -3.83 -0.17 -17.29
C CYS B 42 -4.90 -0.61 -18.27
N LEU B 43 -4.60 -0.46 -19.57
CA LEU B 43 -5.49 -0.87 -20.64
C LEU B 43 -4.80 -1.98 -21.43
N PRO B 44 -5.49 -3.11 -21.73
CA PRO B 44 -4.89 -4.17 -22.54
C PRO B 44 -4.85 -3.78 -24.02
N ARG B 45 -3.85 -4.29 -24.75
CA ARG B 45 -3.76 -4.12 -26.19
C ARG B 45 -4.43 -5.30 -26.89
N THR B 46 -3.91 -6.51 -26.65
CA THR B 46 -4.42 -7.72 -27.25
C THR B 46 -5.69 -8.16 -26.53
N ALA B 47 -6.45 -9.06 -27.14
CA ALA B 47 -7.54 -9.74 -26.47
C ALA B 47 -6.96 -10.73 -25.45
N ALA B 48 -5.70 -11.15 -25.67
CA ALA B 48 -4.98 -12.00 -24.73
C ALA B 48 -4.80 -11.28 -23.40
N ALA B 49 -4.19 -10.09 -23.44
CA ALA B 49 -3.91 -9.30 -22.25
C ALA B 49 -5.18 -8.79 -21.60
N ALA B 50 -6.25 -8.63 -22.40
CA ALA B 50 -7.56 -8.26 -21.88
C ALA B 50 -8.12 -9.41 -21.05
N ALA B 51 -7.85 -10.65 -21.50
CA ALA B 51 -8.34 -11.84 -20.84
C ALA B 51 -7.62 -12.06 -19.50
N ARG B 52 -6.32 -11.75 -19.44
CA ARG B 52 -5.50 -12.03 -18.28
C ARG B 52 -5.70 -11.00 -17.18
N LEU B 53 -6.28 -9.83 -17.50
CA LEU B 53 -6.20 -8.66 -16.64
C LEU B 53 -6.91 -8.89 -15.31
N PRO B 54 -8.04 -9.63 -15.25
CA PRO B 54 -8.63 -10.01 -13.96
C PRO B 54 -7.67 -10.71 -13.00
N ARG B 55 -6.87 -11.64 -13.53
CA ARG B 55 -5.91 -12.39 -12.72
C ARG B 55 -4.77 -11.47 -12.29
N ARG B 56 -4.39 -10.53 -13.17
CA ARG B 56 -3.37 -9.55 -12.83
C ARG B 56 -3.82 -8.75 -11.61
N ALA B 57 -5.09 -8.34 -11.60
CA ALA B 57 -5.67 -7.57 -10.52
C ALA B 57 -5.59 -8.36 -9.20
N ALA B 58 -5.93 -9.66 -9.28
CA ALA B 58 -5.84 -10.55 -8.12
C ALA B 58 -4.40 -10.62 -7.62
N VAL B 59 -3.44 -10.73 -8.56
CA VAL B 59 -2.03 -10.84 -8.20
C VAL B 59 -1.59 -9.58 -7.46
N MET B 60 -2.05 -8.41 -7.92
CA MET B 60 -1.61 -7.15 -7.35
C MET B 60 -2.21 -6.96 -5.96
N ARG B 61 -3.44 -7.46 -5.76
CA ARG B 61 -4.09 -7.43 -4.46
C ARG B 61 -3.24 -8.19 -3.43
N VAL B 62 -2.81 -9.40 -3.80
CA VAL B 62 -2.00 -10.25 -2.95
C VAL B 62 -0.69 -9.53 -2.61
N LEU B 63 -0.02 -8.97 -3.62
CA LEU B 63 1.22 -8.24 -3.39
C LEU B 63 1.01 -7.08 -2.43
N ALA B 64 -0.17 -6.44 -2.48
CA ALA B 64 -0.45 -5.26 -1.67
C ALA B 64 -0.64 -5.62 -0.19
N GLY B 65 -0.86 -6.90 0.10
CA GLY B 65 -1.00 -7.39 1.46
C GLY B 65 0.25 -8.05 2.03
N LEU B 66 1.35 -8.09 1.26
CA LEU B 66 2.59 -8.68 1.75
C LEU B 66 3.38 -7.66 2.56
N ASP B 67 4.25 -8.18 3.43
CA ASP B 67 5.16 -7.36 4.22
C ASP B 67 6.53 -7.35 3.56
N LEU B 68 6.78 -6.34 2.72
CA LEU B 68 8.01 -6.25 1.95
C LEU B 68 8.87 -5.07 2.41
N GLY B 69 8.38 -4.33 3.42
CA GLY B 69 9.09 -3.14 3.89
C GLY B 69 8.90 -1.92 2.98
N CYS B 70 7.96 -1.98 2.04
CA CYS B 70 7.79 -0.91 1.07
C CYS B 70 6.42 -1.00 0.41
N ARG B 71 6.11 -0.02 -0.45
CA ARG B 71 4.84 0.04 -1.17
C ARG B 71 4.91 -0.80 -2.44
N THR B 72 3.73 -1.22 -2.90
CA THR B 72 3.52 -1.77 -4.23
C THR B 72 2.31 -1.07 -4.84
N PRO B 73 2.09 -1.18 -6.18
CA PRO B 73 0.91 -0.60 -6.82
C PRO B 73 -0.35 -1.33 -6.36
N ARG B 74 -1.21 -0.61 -5.62
CA ARG B 74 -2.40 -1.20 -5.04
C ARG B 74 -3.57 -1.06 -6.00
N PRO B 75 -4.30 -2.15 -6.31
CA PRO B 75 -5.54 -2.06 -7.08
C PRO B 75 -6.57 -1.16 -6.41
N LEU B 76 -6.95 -0.09 -7.12
CA LEU B 76 -7.96 0.84 -6.64
C LEU B 76 -9.29 0.58 -7.32
N CYS B 77 -9.26 0.10 -8.56
CA CYS B 77 -10.49 -0.05 -9.35
C CYS B 77 -10.22 -0.99 -10.52
N GLU B 78 -11.16 -1.91 -10.77
CA GLU B 78 -11.10 -2.79 -11.92
C GLU B 78 -12.49 -2.86 -12.56
N GLY B 79 -12.56 -3.13 -13.87
CA GLY B 79 -13.83 -3.42 -14.51
C GLY B 79 -13.72 -3.52 -16.03
N SER B 80 -14.79 -3.03 -16.70
CA SER B 80 -14.84 -2.90 -18.16
C SER B 80 -15.51 -1.58 -18.53
N LEU B 87 -13.86 -3.32 -23.06
CA LEU B 87 -12.41 -3.20 -22.73
C LEU B 87 -12.24 -3.24 -21.22
N PRO B 88 -11.54 -4.25 -20.65
CA PRO B 88 -11.21 -4.24 -19.22
C PRO B 88 -10.20 -3.15 -18.89
N PHE B 89 -10.19 -2.72 -17.62
CA PHE B 89 -9.20 -1.78 -17.13
C PHE B 89 -8.84 -2.13 -15.69
N LEU B 90 -7.63 -1.71 -15.28
CA LEU B 90 -7.18 -1.88 -13.92
C LEU B 90 -6.49 -0.59 -13.48
N VAL B 91 -6.98 0.02 -12.40
CA VAL B 91 -6.38 1.21 -11.85
C VAL B 91 -5.49 0.79 -10.67
N LEU B 92 -4.22 1.22 -10.72
CA LEU B 92 -3.26 0.93 -9.66
C LEU B 92 -2.80 2.24 -9.02
N SER B 93 -2.58 2.23 -7.70
CA SER B 93 -1.89 3.33 -7.05
C SER B 93 -0.51 3.47 -7.69
N ARG B 94 -0.05 4.72 -7.75
CA ARG B 94 1.25 5.07 -8.28
C ARG B 94 2.22 5.19 -7.10
N VAL B 95 3.31 4.40 -7.15
CA VAL B 95 4.32 4.43 -6.11
C VAL B 95 5.15 5.71 -6.27
N PRO B 96 5.29 6.56 -5.22
CA PRO B 96 6.13 7.74 -5.32
C PRO B 96 7.62 7.41 -5.28
N GLY B 97 8.44 8.38 -5.72
CA GLY B 97 9.88 8.26 -5.68
C GLY B 97 10.47 8.06 -7.07
N ALA B 98 11.81 8.06 -7.13
CA ALA B 98 12.54 7.87 -8.37
C ALA B 98 13.61 6.80 -8.16
N PRO B 99 14.13 6.21 -9.26
CA PRO B 99 15.27 5.29 -9.17
C PRO B 99 16.49 5.93 -8.50
N LEU B 100 17.35 5.07 -7.96
CA LEU B 100 18.64 5.49 -7.43
C LEU B 100 19.69 5.24 -8.50
N GLU B 101 20.39 6.29 -8.92
CA GLU B 101 21.49 6.15 -9.87
C GLU B 101 22.67 5.52 -9.14
N ALA B 102 23.42 4.66 -9.84
CA ALA B 102 24.52 3.91 -9.26
C ALA B 102 25.50 4.83 -8.53
N ASP B 103 25.62 6.08 -9.03
CA ASP B 103 26.54 7.07 -8.50
C ASP B 103 26.37 7.24 -6.98
N ALA B 104 25.13 7.15 -6.49
CA ALA B 104 24.83 7.40 -5.09
C ALA B 104 25.51 6.36 -4.18
N LEU B 105 25.74 5.15 -4.73
CA LEU B 105 26.30 4.05 -3.95
C LEU B 105 27.78 4.26 -3.68
N GLU B 106 28.39 5.30 -4.28
CA GLU B 106 29.78 5.66 -4.02
C GLU B 106 29.93 6.23 -2.61
N ASP B 107 28.83 6.76 -2.04
CA ASP B 107 28.80 7.08 -0.63
C ASP B 107 28.54 5.79 0.15
N SER B 108 29.52 5.35 0.94
CA SER B 108 29.44 4.04 1.57
C SER B 108 28.28 3.98 2.57
N LYS B 109 27.92 5.11 3.19
CA LYS B 109 26.84 5.11 4.17
C LYS B 109 25.49 5.02 3.46
N VAL B 110 25.41 5.57 2.25
CA VAL B 110 24.25 5.39 1.38
C VAL B 110 24.14 3.91 0.98
N ALA B 111 25.27 3.32 0.56
CA ALA B 111 25.28 1.93 0.11
C ALA B 111 24.77 1.01 1.22
N GLU B 112 25.20 1.27 2.46
CA GLU B 112 24.84 0.44 3.61
C GLU B 112 23.32 0.43 3.78
N VAL B 113 22.75 1.64 3.73
CA VAL B 113 21.35 1.86 4.01
C VAL B 113 20.51 1.28 2.87
N VAL B 114 21.00 1.42 1.63
CA VAL B 114 20.29 0.92 0.47
C VAL B 114 20.35 -0.61 0.44
N ALA B 115 21.54 -1.17 0.71
CA ALA B 115 21.71 -2.61 0.79
C ALA B 115 20.75 -3.20 1.84
N ALA B 116 20.66 -2.54 3.01
CA ALA B 116 19.81 -3.01 4.08
C ALA B 116 18.35 -3.10 3.63
N GLN B 117 17.87 -2.10 2.87
CA GLN B 117 16.46 -2.06 2.50
C GLN B 117 16.17 -3.08 1.40
N TYR B 118 17.15 -3.32 0.51
CA TYR B 118 17.05 -4.41 -0.44
C TYR B 118 16.91 -5.76 0.29
N VAL B 119 17.69 -5.95 1.34
CA VAL B 119 17.64 -7.18 2.12
C VAL B 119 16.24 -7.36 2.68
N THR B 120 15.66 -6.31 3.28
CA THR B 120 14.31 -6.38 3.82
C THR B 120 13.33 -6.83 2.74
N LEU B 121 13.39 -6.16 1.59
CA LEU B 121 12.52 -6.46 0.44
C LEU B 121 12.67 -7.92 0.03
N LEU B 122 13.92 -8.36 -0.18
CA LEU B 122 14.18 -9.71 -0.67
C LEU B 122 13.73 -10.74 0.37
N SER B 123 13.96 -10.43 1.65
CA SER B 123 13.53 -11.31 2.74
C SER B 123 12.02 -11.46 2.72
N GLY B 124 11.34 -10.31 2.58
CA GLY B 124 9.89 -10.29 2.51
C GLY B 124 9.37 -11.15 1.37
N LEU B 125 10.02 -11.03 0.20
CA LEU B 125 9.64 -11.82 -0.96
C LEU B 125 9.87 -13.30 -0.68
N ALA B 126 11.06 -13.62 -0.13
CA ALA B 126 11.40 -14.99 0.23
C ALA B 126 10.34 -15.58 1.16
N SER B 127 10.05 -14.89 2.26
CA SER B 127 9.09 -15.39 3.24
C SER B 127 7.74 -15.64 2.59
N ALA B 128 7.34 -14.75 1.67
CA ALA B 128 6.02 -14.78 1.06
C ALA B 128 5.82 -16.03 0.23
N GLY B 129 6.90 -16.56 -0.35
CA GLY B 129 6.83 -17.75 -1.19
C GLY B 129 6.42 -18.99 -0.40
N ALA B 130 6.68 -18.98 0.92
CA ALA B 130 6.28 -20.06 1.80
C ALA B 130 4.77 -20.07 1.98
N ASP B 131 4.12 -18.89 1.84
CA ASP B 131 2.70 -18.76 2.09
C ASP B 131 1.91 -19.41 0.94
N GLU B 132 1.03 -20.36 1.29
CA GLU B 132 0.26 -21.11 0.31
C GLU B 132 -0.77 -20.21 -0.38
N LYS B 133 -1.28 -19.21 0.34
CA LYS B 133 -2.19 -18.23 -0.23
C LYS B 133 -1.54 -17.59 -1.45
N VAL B 134 -0.30 -17.14 -1.28
CA VAL B 134 0.48 -16.50 -2.34
C VAL B 134 0.71 -17.50 -3.48
N ARG B 135 1.07 -18.73 -3.11
CA ARG B 135 1.39 -19.76 -4.10
C ARG B 135 0.18 -20.05 -4.98
N ALA B 136 -1.02 -19.88 -4.42
CA ALA B 136 -2.26 -20.12 -5.15
C ALA B 136 -2.48 -19.08 -6.24
N ALA B 137 -2.15 -17.82 -5.95
CA ALA B 137 -2.55 -16.70 -6.80
C ALA B 137 -1.49 -16.40 -7.87
N LEU B 138 -0.22 -16.76 -7.59
CA LEU B 138 0.88 -16.32 -8.42
C LEU B 138 1.30 -17.40 -9.41
N PRO B 139 1.83 -17.01 -10.59
CA PRO B 139 2.40 -17.98 -11.54
C PRO B 139 3.56 -18.74 -10.89
N ALA B 140 3.66 -20.03 -11.19
CA ALA B 140 4.76 -20.86 -10.72
C ALA B 140 5.12 -21.87 -11.79
N PRO B 141 5.56 -21.43 -12.99
CA PRO B 141 5.86 -22.34 -14.09
C PRO B 141 7.08 -23.22 -13.81
N GLN B 142 7.05 -24.46 -14.34
CA GLN B 142 8.18 -25.37 -14.25
C GLN B 142 8.99 -25.27 -15.54
N GLY B 143 10.28 -25.62 -15.45
CA GLY B 143 11.17 -25.64 -16.60
C GLY B 143 11.05 -24.39 -17.47
N ARG B 144 11.07 -23.21 -16.83
CA ARG B 144 11.03 -21.94 -17.53
C ARG B 144 12.34 -21.72 -18.29
N TRP B 145 13.44 -22.30 -17.77
CA TRP B 145 14.77 -22.06 -18.32
C TRP B 145 15.05 -22.95 -19.53
N ARG B 146 14.51 -24.18 -19.54
CA ARG B 146 14.64 -25.05 -20.69
C ARG B 146 13.71 -24.57 -21.81
N GLN B 147 12.58 -23.95 -21.42
CA GLN B 147 11.72 -23.28 -22.39
C GLN B 147 12.49 -22.12 -23.03
N PHE B 148 13.15 -21.31 -22.19
CA PHE B 148 13.94 -20.17 -22.64
C PHE B 148 14.98 -20.65 -23.65
N ALA B 149 15.71 -21.71 -23.29
CA ALA B 149 16.82 -22.21 -24.08
C ALA B 149 16.36 -22.63 -25.48
N ALA B 150 15.21 -23.32 -25.55
CA ALA B 150 14.64 -23.76 -26.80
C ALA B 150 14.23 -22.56 -27.66
N ASP B 151 13.82 -21.47 -27.01
CA ASP B 151 13.39 -20.28 -27.73
C ASP B 151 14.60 -19.52 -28.27
N VAL B 152 15.71 -19.55 -27.51
CA VAL B 152 16.95 -18.91 -27.95
C VAL B 152 17.47 -19.62 -29.19
N ARG B 153 17.55 -20.96 -29.12
CA ARG B 153 18.06 -21.77 -30.23
C ARG B 153 17.20 -21.55 -31.48
N ALA B 154 15.88 -21.54 -31.29
CA ALA B 154 14.95 -21.41 -32.40
C ALA B 154 15.07 -20.03 -33.04
N GLU B 155 15.03 -18.97 -32.22
CA GLU B 155 14.80 -17.62 -32.73
C GLU B 155 16.11 -16.83 -32.86
N LEU B 156 17.10 -17.08 -31.99
CA LEU B 156 18.28 -16.23 -31.92
C LEU B 156 19.47 -16.86 -32.63
N PHE B 157 19.65 -18.18 -32.53
CA PHE B 157 20.83 -18.85 -33.08
C PHE B 157 21.04 -18.50 -34.55
N PRO B 158 19.99 -18.45 -35.40
CA PRO B 158 20.15 -18.02 -36.80
C PRO B 158 20.72 -16.63 -37.02
N LEU B 159 20.61 -15.75 -36.00
CA LEU B 159 21.13 -14.39 -36.08
C LEU B 159 22.58 -14.31 -35.60
N MET B 160 23.14 -15.46 -35.16
CA MET B 160 24.40 -15.48 -34.44
C MET B 160 25.50 -16.06 -35.32
N SER B 161 26.75 -15.71 -35.00
CA SER B 161 27.92 -16.33 -35.61
C SER B 161 28.10 -17.73 -35.02
N ASP B 162 29.02 -18.49 -35.61
CA ASP B 162 29.36 -19.82 -35.14
C ASP B 162 29.85 -19.75 -33.69
N GLY B 163 30.84 -18.89 -33.44
CA GLY B 163 31.40 -18.70 -32.11
C GLY B 163 30.35 -18.19 -31.12
N GLY B 164 29.48 -17.30 -31.61
CA GLY B 164 28.34 -16.84 -30.84
C GLY B 164 27.50 -18.01 -30.34
N CYS B 165 27.05 -18.85 -31.27
CA CYS B 165 26.22 -20.01 -30.98
C CYS B 165 26.91 -20.95 -29.99
N ARG B 166 28.25 -21.06 -30.08
CA ARG B 166 29.01 -21.93 -29.19
C ARG B 166 28.95 -21.40 -27.77
N GLN B 167 29.15 -20.07 -27.61
CA GLN B 167 29.13 -19.42 -26.32
C GLN B 167 27.74 -19.52 -25.69
N ALA B 168 26.70 -19.21 -26.48
CA ALA B 168 25.33 -19.25 -26.00
C ALA B 168 24.98 -20.66 -25.53
N GLU B 169 25.42 -21.68 -26.29
CA GLU B 169 25.13 -23.07 -25.96
C GLU B 169 25.74 -23.42 -24.60
N ARG B 170 26.92 -22.85 -24.30
CA ARG B 170 27.59 -23.03 -23.02
C ARG B 170 26.75 -22.42 -21.90
N GLU B 171 26.18 -21.24 -22.15
CA GLU B 171 25.37 -20.54 -21.17
C GLU B 171 24.05 -21.29 -20.96
N LEU B 172 23.46 -21.81 -22.04
CA LEU B 172 22.21 -22.54 -21.97
C LEU B 172 22.42 -23.91 -21.33
N ALA B 173 23.63 -24.45 -21.42
CA ALA B 173 23.96 -25.71 -20.75
C ALA B 173 23.91 -25.51 -19.25
N ALA B 174 24.63 -24.48 -18.78
CA ALA B 174 24.65 -24.10 -17.37
C ALA B 174 23.24 -24.03 -16.79
N LEU B 175 22.27 -23.56 -17.59
CA LEU B 175 20.89 -23.40 -17.13
C LEU B 175 20.29 -24.74 -16.70
N ASP B 176 20.66 -25.84 -17.37
CA ASP B 176 20.12 -27.15 -17.02
C ASP B 176 20.72 -27.63 -15.70
N SER B 177 21.87 -27.07 -15.31
CA SER B 177 22.47 -27.38 -14.02
C SER B 177 21.65 -26.80 -12.88
N LEU B 178 20.88 -25.74 -13.15
CA LEU B 178 20.13 -25.05 -12.11
C LEU B 178 19.00 -25.94 -11.61
N PRO B 179 18.81 -26.07 -10.27
CA PRO B 179 17.60 -26.68 -9.71
C PRO B 179 16.41 -25.77 -9.96
N ASP B 180 15.29 -26.35 -10.39
CA ASP B 180 14.06 -25.61 -10.61
C ASP B 180 13.45 -25.27 -9.26
N ILE B 181 13.99 -24.22 -8.62
CA ILE B 181 13.60 -23.80 -7.28
C ILE B 181 12.36 -22.91 -7.38
N THR B 182 11.36 -23.19 -6.53
CA THR B 182 10.20 -22.33 -6.39
C THR B 182 10.00 -22.03 -4.90
N GLU B 183 10.98 -21.33 -4.33
CA GLU B 183 11.00 -21.00 -2.91
C GLU B 183 10.35 -19.63 -2.63
N ALA B 184 10.67 -18.64 -3.48
CA ALA B 184 10.40 -17.24 -3.17
C ALA B 184 9.44 -16.64 -4.17
N VAL B 185 8.76 -15.55 -3.75
CA VAL B 185 8.21 -14.61 -4.70
C VAL B 185 9.40 -13.96 -5.39
N VAL B 186 9.37 -13.95 -6.73
CA VAL B 186 10.43 -13.39 -7.55
C VAL B 186 9.82 -12.33 -8.45
N HIS B 187 10.27 -11.09 -8.29
CA HIS B 187 9.84 -9.97 -9.11
C HIS B 187 10.06 -10.32 -10.59
N GLY B 188 11.27 -10.77 -10.92
CA GLY B 188 11.59 -11.25 -12.26
C GLY B 188 12.25 -10.19 -13.15
N ASN B 189 12.14 -8.91 -12.77
CA ASN B 189 12.73 -7.83 -13.53
C ASN B 189 13.15 -6.71 -12.58
N LEU B 190 13.89 -7.06 -11.52
CA LEU B 190 14.16 -6.14 -10.42
C LEU B 190 15.39 -5.29 -10.73
N GLY B 191 15.34 -4.58 -11.86
CA GLY B 191 16.38 -3.60 -12.20
C GLY B 191 16.16 -2.31 -11.43
N ALA B 192 17.16 -1.42 -11.54
CA ALA B 192 17.18 -0.13 -10.86
C ALA B 192 15.93 0.71 -11.14
N GLU B 193 15.39 0.65 -12.37
CA GLU B 193 14.31 1.54 -12.77
C GLU B 193 13.00 1.13 -12.06
N ASN B 194 12.92 -0.10 -11.55
CA ASN B 194 11.69 -0.61 -10.96
C ASN B 194 11.71 -0.51 -9.44
N VAL B 195 12.74 0.12 -8.87
CA VAL B 195 12.85 0.30 -7.43
C VAL B 195 12.95 1.80 -7.15
N LEU B 196 11.95 2.34 -6.44
CA LEU B 196 11.80 3.78 -6.28
C LEU B 196 12.14 4.18 -4.86
N TRP B 197 12.73 5.37 -4.72
CA TRP B 197 13.31 5.84 -3.48
C TRP B 197 12.82 7.26 -3.15
N VAL B 198 12.78 7.56 -1.84
CA VAL B 198 12.57 8.91 -1.33
C VAL B 198 13.94 9.50 -1.00
N ARG B 199 14.22 10.67 -1.59
CA ARG B 199 15.54 11.26 -1.48
C ARG B 199 15.41 12.69 -0.98
N ASP B 200 16.54 13.32 -0.68
CA ASP B 200 16.59 14.71 -0.23
C ASP B 200 15.76 14.86 1.05
N ASP B 201 15.83 13.82 1.90
CA ASP B 201 15.25 13.86 3.23
C ASP B 201 16.08 12.90 4.08
N GLY B 202 17.33 13.29 4.31
CA GLY B 202 18.35 12.38 4.81
C GLY B 202 18.68 11.32 3.75
N LEU B 203 19.16 10.17 4.21
CA LEU B 203 19.62 9.13 3.31
C LEU B 203 18.43 8.53 2.58
N PRO B 204 18.63 7.89 1.41
CA PRO B 204 17.53 7.33 0.62
C PRO B 204 16.71 6.29 1.38
N ARG B 205 15.39 6.41 1.31
CA ARG B 205 14.49 5.41 1.87
C ARG B 205 13.72 4.75 0.73
N LEU B 206 13.60 3.42 0.81
CA LEU B 206 12.90 2.66 -0.22
C LEU B 206 11.42 3.01 -0.15
N SER B 207 10.90 3.55 -1.26
CA SER B 207 9.49 3.92 -1.36
C SER B 207 8.69 2.69 -1.76
N GLY B 208 9.05 2.06 -2.88
CA GLY B 208 8.32 0.89 -3.35
C GLY B 208 8.88 0.31 -4.63
N VAL B 209 8.20 -0.73 -5.10
CA VAL B 209 8.64 -1.47 -6.27
C VAL B 209 7.48 -1.55 -7.24
N ILE B 210 7.80 -1.43 -8.54
CA ILE B 210 6.81 -1.36 -9.61
C ILE B 210 7.15 -2.40 -10.67
N ASP B 211 6.24 -2.53 -11.65
CA ASP B 211 6.43 -3.37 -12.83
C ASP B 211 6.52 -4.84 -12.42
N TRP B 212 5.40 -5.35 -11.91
CA TRP B 212 5.31 -6.71 -11.39
C TRP B 212 4.81 -7.70 -12.44
N ASP B 213 4.94 -7.35 -13.72
CA ASP B 213 4.36 -8.14 -14.80
C ASP B 213 5.02 -9.51 -14.92
N GLU B 214 6.27 -9.64 -14.47
CA GLU B 214 7.02 -10.88 -14.61
C GLU B 214 6.99 -11.69 -13.32
N VAL B 215 6.14 -11.31 -12.36
CA VAL B 215 6.23 -11.87 -11.01
C VAL B 215 5.83 -13.35 -11.04
N SER B 216 6.44 -14.13 -10.15
CA SER B 216 6.20 -15.56 -10.07
C SER B 216 6.73 -16.10 -8.74
N ILE B 217 6.36 -17.34 -8.43
CA ILE B 217 7.09 -18.17 -7.48
C ILE B 217 8.25 -18.79 -8.23
N GLY B 218 9.48 -18.55 -7.75
CA GLY B 218 10.66 -19.09 -8.40
C GLY B 218 11.90 -19.00 -7.50
N ASP B 219 13.04 -18.81 -8.17
CA ASP B 219 14.34 -18.81 -7.52
C ASP B 219 14.78 -17.37 -7.29
N PRO B 220 15.05 -16.95 -6.02
CA PRO B 220 15.42 -15.57 -5.72
C PRO B 220 16.72 -15.09 -6.36
N ALA B 221 17.56 -16.04 -6.77
CA ALA B 221 18.82 -15.73 -7.44
C ALA B 221 18.56 -14.83 -8.67
N GLU B 222 17.36 -14.93 -9.23
CA GLU B 222 16.96 -14.13 -10.39
C GLU B 222 16.93 -12.65 -10.03
N ASP B 223 16.32 -12.31 -8.88
CA ASP B 223 16.23 -10.92 -8.43
C ASP B 223 17.62 -10.42 -8.02
N LEU B 224 18.41 -11.28 -7.39
CA LEU B 224 19.74 -10.90 -6.95
C LEU B 224 20.63 -10.63 -8.16
N ALA B 225 20.50 -11.47 -9.20
CA ALA B 225 21.21 -11.24 -10.45
C ALA B 225 20.82 -9.88 -11.02
N ALA B 226 19.52 -9.57 -11.01
CA ALA B 226 19.03 -8.32 -11.57
C ALA B 226 19.66 -7.13 -10.84
N ILE B 227 19.77 -7.22 -9.52
CA ILE B 227 20.32 -6.16 -8.71
C ILE B 227 21.79 -5.93 -9.07
N GLY B 228 22.53 -7.03 -9.21
CA GLY B 228 23.95 -6.97 -9.55
C GLY B 228 24.18 -6.41 -10.95
N ALA B 229 23.27 -6.74 -11.88
CA ALA B 229 23.35 -6.22 -13.24
C ALA B 229 23.22 -4.70 -13.23
N GLY B 230 22.32 -4.18 -12.38
CA GLY B 230 22.06 -2.75 -12.31
C GLY B 230 23.14 -1.98 -11.56
N TYR B 231 23.70 -2.57 -10.49
CA TYR B 231 24.53 -1.81 -9.57
C TYR B 231 25.95 -2.36 -9.43
N GLY B 232 26.24 -3.54 -9.99
CA GLY B 232 27.61 -4.07 -10.01
C GLY B 232 27.87 -5.10 -8.91
N LYS B 233 29.08 -5.68 -8.95
CA LYS B 233 29.45 -6.82 -8.14
C LYS B 233 29.61 -6.44 -6.67
N ASP B 234 30.29 -5.32 -6.41
CA ASP B 234 30.55 -4.88 -5.04
C ASP B 234 29.23 -4.75 -4.28
N PHE B 235 28.28 -4.00 -4.85
CA PHE B 235 27.01 -3.75 -4.19
C PHE B 235 26.24 -5.05 -3.97
N LEU B 236 26.18 -5.92 -4.98
CA LEU B 236 25.48 -7.18 -4.81
C LEU B 236 26.12 -7.98 -3.69
N ASP B 237 27.46 -7.99 -3.63
CA ASP B 237 28.20 -8.68 -2.59
C ASP B 237 27.79 -8.14 -1.22
N GLN B 238 27.61 -6.82 -1.13
CA GLN B 238 27.18 -6.18 0.11
C GLN B 238 25.80 -6.70 0.51
N VAL B 239 24.89 -6.80 -0.46
CA VAL B 239 23.55 -7.31 -0.21
C VAL B 239 23.62 -8.77 0.21
N LEU B 240 24.45 -9.55 -0.49
CA LEU B 240 24.51 -10.99 -0.23
C LEU B 240 25.05 -11.24 1.17
N THR B 241 26.01 -10.43 1.63
CA THR B 241 26.62 -10.62 2.94
C THR B 241 25.61 -10.24 4.03
N LEU B 242 24.98 -9.07 3.92
CA LEU B 242 24.01 -8.58 4.89
C LEU B 242 22.85 -9.56 5.03
N GLY B 243 22.43 -10.17 3.92
CA GLY B 243 21.28 -11.06 3.91
C GLY B 243 21.62 -12.52 4.18
N GLY B 244 22.91 -12.83 4.32
CA GLY B 244 23.36 -14.20 4.55
C GLY B 244 23.12 -15.10 3.33
N TRP B 245 23.35 -14.55 2.13
CA TRP B 245 23.11 -15.28 0.90
C TRP B 245 24.41 -15.46 0.11
N SER B 246 25.54 -15.54 0.83
CA SER B 246 26.86 -15.51 0.19
C SER B 246 27.49 -16.90 0.10
N ASP B 247 26.67 -17.95 -0.01
CA ASP B 247 27.13 -19.31 -0.19
C ASP B 247 27.44 -19.58 -1.68
N ARG B 248 28.33 -20.54 -1.94
CA ARG B 248 28.74 -20.87 -3.30
C ARG B 248 27.54 -21.27 -4.15
N ARG B 249 26.65 -22.07 -3.56
CA ARG B 249 25.47 -22.60 -4.24
C ARG B 249 24.65 -21.46 -4.83
N MET B 250 24.44 -20.40 -4.05
CA MET B 250 23.67 -19.23 -4.50
C MET B 250 24.45 -18.50 -5.59
N ALA B 251 25.77 -18.34 -5.39
CA ALA B 251 26.63 -17.60 -6.32
C ALA B 251 26.57 -18.21 -7.72
N THR B 252 26.55 -19.54 -7.78
CA THR B 252 26.50 -20.27 -9.04
C THR B 252 25.19 -19.97 -9.78
N ARG B 253 24.07 -20.01 -9.05
CA ARG B 253 22.77 -19.76 -9.65
C ARG B 253 22.71 -18.32 -10.15
N ILE B 254 23.24 -17.37 -9.38
CA ILE B 254 23.23 -15.97 -9.76
C ILE B 254 24.02 -15.79 -11.06
N ALA B 255 25.25 -16.35 -11.11
CA ALA B 255 26.12 -16.19 -12.26
C ALA B 255 25.49 -16.83 -13.49
N THR B 256 24.90 -18.01 -13.32
CA THR B 256 24.27 -18.72 -14.41
C THR B 256 23.13 -17.88 -14.99
N ILE B 257 22.28 -17.34 -14.11
CA ILE B 257 21.14 -16.53 -14.52
C ILE B 257 21.63 -15.23 -15.16
N ARG B 258 22.59 -14.56 -14.52
CA ARG B 258 23.12 -13.28 -14.98
C ARG B 258 23.60 -13.37 -16.43
N ALA B 259 24.24 -14.50 -16.76
CA ALA B 259 24.86 -14.68 -18.07
C ALA B 259 23.82 -14.83 -19.17
N THR B 260 22.52 -14.94 -18.82
CA THR B 260 21.44 -15.05 -19.80
C THR B 260 20.82 -13.69 -20.13
N PHE B 261 21.25 -12.62 -19.45
CA PHE B 261 20.50 -11.36 -19.49
C PHE B 261 20.56 -10.72 -20.88
N ALA B 262 21.72 -10.81 -21.55
CA ALA B 262 21.85 -10.26 -22.90
C ALA B 262 20.95 -11.02 -23.86
N LEU B 263 20.90 -12.36 -23.73
CA LEU B 263 20.08 -13.19 -24.59
C LEU B 263 18.59 -12.97 -24.33
N GLN B 264 18.21 -12.80 -23.06
CA GLN B 264 16.82 -12.48 -22.72
C GLN B 264 16.40 -11.20 -23.43
N GLN B 265 17.24 -10.17 -23.37
CA GLN B 265 16.98 -8.89 -24.01
C GLN B 265 16.86 -9.06 -25.53
N ALA B 266 17.76 -9.88 -26.12
CA ALA B 266 17.74 -10.14 -27.54
C ALA B 266 16.47 -10.90 -27.92
N LEU B 267 16.07 -11.85 -27.07
CA LEU B 267 14.93 -12.70 -27.38
C LEU B 267 13.64 -11.88 -27.44
N SER B 268 13.45 -11.00 -26.44
CA SER B 268 12.25 -10.19 -26.36
C SER B 268 12.28 -9.05 -27.38
N ALA B 269 13.49 -8.54 -27.69
CA ALA B 269 13.65 -7.50 -28.70
C ALA B 269 13.47 -8.07 -30.10
N CYS B 270 13.77 -9.37 -30.27
CA CYS B 270 13.55 -10.08 -31.52
C CYS B 270 12.04 -10.19 -31.80
N ARG B 271 11.28 -10.59 -30.78
CA ARG B 271 9.86 -10.87 -30.93
C ARG B 271 9.06 -9.60 -31.22
N ASP B 272 9.47 -8.46 -30.63
CA ASP B 272 8.69 -7.24 -30.75
C ASP B 272 9.35 -6.27 -31.73
N GLY B 273 10.27 -6.76 -32.57
CA GLY B 273 10.83 -5.98 -33.67
C GLY B 273 11.49 -4.68 -33.22
N ASP B 274 12.23 -4.73 -32.10
CA ASP B 274 13.02 -3.61 -31.63
C ASP B 274 14.49 -3.88 -31.97
N GLU B 275 14.97 -3.27 -33.06
CA GLU B 275 16.26 -3.63 -33.65
C GLU B 275 17.42 -3.04 -32.86
N GLU B 276 17.17 -1.95 -32.12
CA GLU B 276 18.20 -1.36 -31.27
C GLU B 276 18.52 -2.30 -30.12
N GLU B 277 17.49 -2.80 -29.43
CA GLU B 277 17.65 -3.71 -28.29
C GLU B 277 18.24 -5.03 -28.77
N LEU B 278 17.82 -5.50 -29.95
CA LEU B 278 18.29 -6.77 -30.48
C LEU B 278 19.79 -6.70 -30.77
N ALA B 279 20.22 -5.63 -31.45
CA ALA B 279 21.62 -5.40 -31.77
C ALA B 279 22.44 -5.38 -30.48
N ASP B 280 22.00 -4.61 -29.49
CA ASP B 280 22.71 -4.50 -28.23
C ASP B 280 22.78 -5.86 -27.54
N GLY B 281 21.66 -6.61 -27.57
CA GLY B 281 21.59 -7.91 -26.92
C GLY B 281 22.52 -8.94 -27.55
N LEU B 282 22.71 -8.83 -28.88
CA LEU B 282 23.48 -9.81 -29.65
C LEU B 282 24.95 -9.43 -29.72
N THR B 283 25.34 -8.29 -29.13
CA THR B 283 26.74 -7.92 -29.08
C THR B 283 27.57 -9.07 -28.51
N GLY B 284 28.66 -9.41 -29.21
CA GLY B 284 29.52 -10.50 -28.80
C GLY B 284 29.01 -11.89 -29.22
N TYR B 285 27.75 -11.98 -29.68
CA TYR B 285 27.20 -13.24 -30.16
C TYR B 285 27.19 -13.28 -31.70
N ARG B 286 27.58 -12.18 -32.35
CA ARG B 286 27.71 -12.14 -33.80
C ARG B 286 28.77 -11.10 -34.17
N SER C 3 14.46 -7.40 -18.52
CA SER C 3 14.40 -6.48 -19.65
C SER C 3 15.66 -5.62 -19.68
N SER C 4 16.06 -5.21 -20.89
CA SER C 4 17.26 -4.42 -21.14
C SER C 4 18.39 -4.82 -20.17
#